data_6SSR
#
_entry.id   6SSR
#
_cell.length_a   109.942
_cell.length_b   151.149
_cell.length_c   70.251
_cell.angle_alpha   90.00
_cell.angle_beta   90.00
_cell.angle_gamma   90.00
#
_symmetry.space_group_name_H-M   'C 2 2 21'
#
_entity_poly.entity_id   1
_entity_poly.type   'polypeptide(L)'
_entity_poly.pdbx_seq_one_letter_code
;MHHHHHHAGNSILLAAVSILSACQQSYFALQVGKARLKYKVTPPAVTGSPEFERVFRAQQNCVEFYPIFIITLWMAGWYF
NQVFATCLGLVYIYGRHLYFWGYSEAAKKRITGFRLSLGILALLTLLGALGIANSFLDEYLDLNIAKKLRRQF
;
_entity_poly.pdbx_strand_id   A,B,C
#
# COMPACT_ATOMS: atom_id res chain seq x y z
N ASN A 10 13.77 -13.87 14.57
CA ASN A 10 13.80 -14.71 13.33
C ASN A 10 13.13 -14.00 12.13
N SER A 11 12.77 -12.74 12.34
CA SER A 11 12.43 -11.82 11.28
C SER A 11 13.04 -10.45 11.53
N ILE A 12 14.08 -10.42 12.35
CA ILE A 12 14.63 -9.18 12.89
C ILE A 12 15.28 -8.37 11.78
N LEU A 13 15.89 -9.05 10.82
CA LEU A 13 16.51 -8.36 9.69
C LEU A 13 15.47 -7.74 8.78
N LEU A 14 14.41 -8.50 8.52
CA LEU A 14 13.31 -8.02 7.69
C LEU A 14 12.70 -6.80 8.34
N ALA A 15 12.48 -6.90 9.65
CA ALA A 15 11.92 -5.80 10.42
C ALA A 15 12.73 -4.51 10.31
N ALA A 16 14.06 -4.64 10.29
CA ALA A 16 14.95 -3.50 10.23
C ALA A 16 14.86 -2.80 8.88
N VAL A 17 14.96 -3.57 7.82
CA VAL A 17 14.84 -3.07 6.44
C VAL A 17 13.48 -2.38 6.26
N SER A 18 12.44 -2.98 6.82
CA SER A 18 11.11 -2.43 6.71
C SER A 18 10.98 -1.06 7.35
N ILE A 19 11.64 -0.86 8.48
CA ILE A 19 11.59 0.41 9.19
C ILE A 19 12.41 1.43 8.42
N LEU A 20 13.52 1.00 7.84
CA LEU A 20 14.31 1.89 6.99
C LEU A 20 13.53 2.41 5.80
N SER A 21 12.87 1.52 5.09
CA SER A 21 12.15 1.89 3.89
C SER A 21 10.97 2.79 4.21
N ALA A 22 10.33 2.55 5.36
CA ALA A 22 9.21 3.37 5.80
C ALA A 22 9.64 4.80 6.09
N CYS A 23 10.86 4.95 6.60
CA CYS A 23 11.43 6.28 6.82
C CYS A 23 11.75 6.95 5.49
N GLN A 24 12.21 6.19 4.50
CA GLN A 24 12.43 6.75 3.17
C GLN A 24 11.14 7.29 2.58
N GLN A 25 10.07 6.52 2.70
CA GLN A 25 8.79 6.94 2.12
C GLN A 25 8.26 8.20 2.82
N SER A 26 8.46 8.31 4.12
CA SER A 26 8.05 9.51 4.85
C SER A 26 8.91 10.69 4.45
N TYR A 27 10.17 10.44 4.15
CA TYR A 27 11.08 11.48 3.69
C TYR A 27 10.64 12.04 2.36
N PHE A 28 10.20 11.16 1.45
CA PHE A 28 9.70 11.59 0.15
C PHE A 28 8.46 12.46 0.29
N ALA A 29 7.57 12.08 1.19
CA ALA A 29 6.36 12.86 1.44
C ALA A 29 6.69 14.26 1.95
N LEU A 30 7.74 14.36 2.78
CA LEU A 30 8.20 15.64 3.28
C LEU A 30 8.68 16.58 2.17
N GLN A 31 9.37 16.02 1.19
CA GLN A 31 9.88 16.79 0.04
C GLN A 31 8.76 17.40 -0.78
N VAL A 32 7.69 16.65 -0.96
CA VAL A 32 6.53 17.16 -1.68
C VAL A 32 5.95 18.34 -0.90
N GLY A 33 5.87 18.20 0.43
CA GLY A 33 5.39 19.27 1.30
C GLY A 33 6.26 20.50 1.20
N LYS A 34 7.57 20.30 1.15
CA LYS A 34 8.51 21.40 0.99
C LYS A 34 8.38 22.03 -0.39
N ALA A 35 8.12 21.21 -1.41
CA ALA A 35 7.95 21.70 -2.77
C ALA A 35 6.69 22.53 -2.91
N ARG A 36 5.65 22.19 -2.18
CA ARG A 36 4.40 22.96 -2.17
C ARG A 36 4.65 24.39 -1.74
N LEU A 37 5.52 24.57 -0.76
CA LEU A 37 5.83 25.91 -0.26
C LEU A 37 6.76 26.67 -1.19
N LYS A 38 7.73 25.97 -1.76
CA LYS A 38 8.72 26.60 -2.63
C LYS A 38 8.16 27.07 -3.96
N TYR A 39 7.16 26.38 -4.49
CA TYR A 39 6.65 26.72 -5.83
C TYR A 39 5.18 27.16 -5.79
N LYS A 40 4.70 27.50 -4.58
CA LYS A 40 3.35 28.02 -4.38
C LYS A 40 2.27 27.15 -5.03
N VAL A 41 2.21 25.87 -4.64
CA VAL A 41 1.13 25.00 -5.09
C VAL A 41 0.25 24.74 -3.89
N THR A 42 -0.91 25.44 -3.88
CA THR A 42 -1.83 25.44 -2.76
C THR A 42 -2.76 24.22 -2.84
N PRO A 43 -2.82 23.41 -1.75
CA PRO A 43 -3.68 22.23 -1.73
C PRO A 43 -5.15 22.61 -1.92
N PRO A 44 -5.92 21.76 -2.62
CA PRO A 44 -5.64 20.41 -3.11
C PRO A 44 -5.00 20.26 -4.50
N ALA A 45 -4.44 21.34 -5.07
CA ALA A 45 -3.88 21.30 -6.42
C ALA A 45 -2.58 20.50 -6.44
N VAL A 46 -2.32 19.80 -7.53
CA VAL A 46 -1.06 19.06 -7.69
C VAL A 46 -0.33 19.37 -8.99
N THR A 47 -0.75 20.45 -9.66
CA THR A 47 -0.15 20.90 -10.91
C THR A 47 0.06 22.39 -10.84
N GLY A 48 0.88 22.90 -11.77
CA GLY A 48 1.16 24.33 -11.88
C GLY A 48 2.60 24.82 -11.78
N SER A 49 3.52 23.92 -11.49
CA SER A 49 4.94 24.19 -11.54
C SER A 49 5.59 22.91 -12.04
N PRO A 50 6.42 22.98 -13.10
CA PRO A 50 7.06 21.77 -13.62
C PRO A 50 7.92 21.06 -12.57
N GLU A 51 8.66 21.84 -11.77
CA GLU A 51 9.52 21.27 -10.75
C GLU A 51 8.70 20.49 -9.73
N PHE A 52 7.59 21.07 -9.29
CA PHE A 52 6.71 20.39 -8.37
C PHE A 52 6.13 19.12 -8.97
N GLU A 53 5.77 19.16 -10.25
CA GLU A 53 5.07 18.03 -10.85
C GLU A 53 5.97 16.80 -10.95
N ARG A 54 7.27 17.03 -11.12
CA ARG A 54 8.25 15.94 -11.19
C ARG A 54 8.45 15.32 -9.81
N VAL A 55 8.56 16.17 -8.80
CA VAL A 55 8.70 15.70 -7.42
C VAL A 55 7.45 14.93 -6.99
N PHE A 56 6.28 15.47 -7.28
CA PHE A 56 5.02 14.84 -6.92
C PHE A 56 4.85 13.48 -7.59
N ARG A 57 5.09 13.41 -8.90
CA ARG A 57 4.93 12.15 -9.65
C ARG A 57 5.92 11.09 -9.19
N ALA A 58 7.13 11.50 -8.86
CA ALA A 58 8.13 10.57 -8.36
C ALA A 58 7.70 9.96 -7.06
N GLN A 59 7.27 10.79 -6.11
CA GLN A 59 6.78 10.30 -4.81
C GLN A 59 5.58 9.40 -4.96
N GLN A 60 4.73 9.69 -5.95
CA GLN A 60 3.54 8.89 -6.23
C GLN A 60 3.91 7.50 -6.72
N ASN A 61 4.90 7.39 -7.61
CA ASN A 61 5.34 6.09 -8.12
C ASN A 61 5.99 5.25 -7.04
N CYS A 62 6.72 5.89 -6.14
CA CYS A 62 7.32 5.21 -5.01
C CYS A 62 6.27 4.69 -4.05
N VAL A 63 5.33 5.54 -3.65
CA VAL A 63 4.35 5.13 -2.66
C VAL A 63 3.41 4.04 -3.20
N GLU A 64 3.24 3.99 -4.51
CA GLU A 64 2.41 2.96 -5.14
C GLU A 64 3.07 1.61 -5.08
N PHE A 65 4.36 1.56 -5.31
CA PHE A 65 5.09 0.32 -5.36
C PHE A 65 5.48 -0.20 -3.97
N TYR A 66 5.37 0.63 -2.94
CA TYR A 66 5.82 0.27 -1.61
C TYR A 66 5.23 -1.04 -1.05
N PRO A 67 3.90 -1.20 -1.10
CA PRO A 67 3.37 -2.45 -0.57
C PRO A 67 3.78 -3.68 -1.38
N ILE A 68 4.10 -3.50 -2.66
CA ILE A 68 4.53 -4.61 -3.50
C ILE A 68 5.92 -5.05 -3.10
N PHE A 69 6.75 -4.08 -2.74
CA PHE A 69 8.09 -4.35 -2.28
C PHE A 69 8.07 -5.08 -0.94
N ILE A 70 7.21 -4.64 -0.04
CA ILE A 70 7.13 -5.22 1.29
C ILE A 70 6.72 -6.67 1.27
N ILE A 71 5.67 -6.97 0.52
CA ILE A 71 5.22 -8.36 0.37
C ILE A 71 6.32 -9.25 -0.16
N THR A 72 6.89 -8.84 -1.28
CA THR A 72 7.92 -9.58 -1.97
C THR A 72 9.15 -9.75 -1.06
N LEU A 73 9.48 -8.71 -0.31
CA LEU A 73 10.58 -8.75 0.65
C LEU A 73 10.37 -9.81 1.72
N TRP A 74 9.17 -9.86 2.30
CA TRP A 74 8.92 -10.78 3.40
C TRP A 74 8.76 -12.21 2.92
N MET A 75 8.12 -12.40 1.77
CA MET A 75 7.97 -13.74 1.22
C MET A 75 9.31 -14.34 0.85
N ALA A 76 10.21 -13.51 0.31
CA ALA A 76 11.54 -13.99 0.01
C ALA A 76 12.28 -14.32 1.30
N GLY A 77 12.21 -13.41 2.27
CA GLY A 77 12.94 -13.57 3.52
C GLY A 77 12.44 -14.69 4.39
N TRP A 78 11.14 -14.94 4.37
CA TRP A 78 10.53 -16.03 5.11
C TRP A 78 10.76 -17.38 4.46
N TYR A 79 10.58 -17.47 3.15
CA TYR A 79 10.59 -18.75 2.49
C TYR A 79 11.86 -19.08 1.71
N PHE A 80 12.84 -18.19 1.70
CA PHE A 80 14.06 -18.47 0.95
C PHE A 80 15.31 -18.27 1.81
N ASN A 81 15.56 -17.05 2.24
CA ASN A 81 16.71 -16.73 3.08
C ASN A 81 16.63 -15.28 3.56
N GLN A 82 16.64 -15.11 4.88
CA GLN A 82 16.47 -13.76 5.43
C GLN A 82 17.63 -12.84 5.09
N VAL A 83 18.85 -13.36 5.18
CA VAL A 83 20.04 -12.54 4.92
C VAL A 83 20.12 -12.09 3.46
N PHE A 84 19.81 -12.97 2.54
CA PHE A 84 19.93 -12.64 1.12
C PHE A 84 18.86 -11.63 0.69
N ALA A 85 17.63 -11.87 1.13
CA ALA A 85 16.52 -10.95 0.89
C ALA A 85 16.78 -9.58 1.50
N THR A 86 17.31 -9.58 2.73
CA THR A 86 17.66 -8.36 3.45
C THR A 86 18.62 -7.49 2.65
N CYS A 87 19.61 -8.13 2.03
CA CYS A 87 20.61 -7.40 1.25
C CYS A 87 20.03 -6.82 -0.01
N LEU A 88 19.24 -7.62 -0.72
CA LEU A 88 18.54 -7.11 -1.90
C LEU A 88 17.65 -5.95 -1.51
N GLY A 89 16.98 -6.08 -0.37
CA GLY A 89 16.12 -5.01 0.15
C GLY A 89 16.84 -3.68 0.30
N LEU A 90 18.05 -3.73 0.80
CA LEU A 90 18.85 -2.52 0.95
C LEU A 90 19.20 -1.89 -0.40
N VAL A 91 19.53 -2.72 -1.38
CA VAL A 91 19.86 -2.23 -2.70
C VAL A 91 18.63 -1.60 -3.36
N TYR A 92 17.46 -2.17 -3.12
CA TYR A 92 16.21 -1.59 -3.62
C TYR A 92 15.99 -0.19 -3.04
N ILE A 93 16.24 -0.05 -1.74
CA ILE A 93 16.08 1.24 -1.07
C ILE A 93 16.99 2.26 -1.75
N TYR A 94 18.19 1.83 -2.12
CA TYR A 94 19.14 2.69 -2.83
C TYR A 94 18.66 3.05 -4.24
N GLY A 95 18.18 2.07 -5.00
CA GLY A 95 17.62 2.30 -6.33
C GLY A 95 16.55 3.37 -6.39
N ARG A 96 15.66 3.39 -5.41
CA ARG A 96 14.58 4.41 -5.39
C ARG A 96 15.12 5.75 -4.99
N HIS A 97 16.21 5.74 -4.22
CA HIS A 97 16.88 6.98 -3.83
C HIS A 97 17.42 7.67 -5.07
N LEU A 98 17.94 6.86 -6.00
CA LEU A 98 18.38 7.37 -7.30
C LEU A 98 17.19 7.84 -8.11
N TYR A 99 16.16 7.01 -8.17
CA TYR A 99 14.96 7.31 -8.95
C TYR A 99 14.37 8.65 -8.55
N PHE A 100 14.19 8.85 -7.25
CA PHE A 100 13.48 10.01 -6.76
C PHE A 100 14.23 11.29 -7.05
N TRP A 101 15.51 11.31 -6.66
CA TRP A 101 16.30 12.51 -6.85
C TRP A 101 16.64 12.72 -8.32
N GLY A 102 16.79 11.63 -9.06
CA GLY A 102 16.99 11.70 -10.50
C GLY A 102 15.84 12.39 -11.19
N TYR A 103 14.64 11.91 -10.91
CA TYR A 103 13.47 12.47 -11.55
C TYR A 103 13.40 13.95 -11.20
N SER A 104 13.54 14.26 -9.93
CA SER A 104 13.38 15.63 -9.46
C SER A 104 14.18 16.65 -10.30
N GLU A 105 15.33 16.21 -10.81
CA GLU A 105 16.15 17.06 -11.65
C GLU A 105 15.64 17.10 -13.09
N ALA A 106 15.27 15.94 -13.61
CA ALA A 106 14.78 15.83 -15.00
C ALA A 106 14.14 14.46 -15.23
N ALA A 107 13.00 14.44 -15.93
CA ALA A 107 12.27 13.18 -16.15
C ALA A 107 13.11 12.05 -16.73
N LYS A 108 14.12 12.39 -17.53
CA LYS A 108 14.98 11.39 -18.15
C LYS A 108 16.07 10.85 -17.22
N LYS A 109 16.32 11.53 -16.10
CA LYS A 109 17.30 11.07 -15.12
C LYS A 109 16.75 10.06 -14.13
N ARG A 110 15.50 9.62 -14.33
CA ARG A 110 14.90 8.66 -13.41
C ARG A 110 15.22 7.20 -13.76
N ILE A 111 15.71 6.99 -14.98
CA ILE A 111 15.70 5.66 -15.61
C ILE A 111 16.66 4.67 -14.95
N THR A 112 17.83 5.14 -14.49
CA THR A 112 18.78 4.25 -13.81
C THR A 112 18.18 3.63 -12.56
N GLY A 113 17.78 4.51 -11.62
CA GLY A 113 17.19 4.06 -10.36
C GLY A 113 15.94 3.22 -10.58
N PHE A 114 15.23 3.47 -11.67
CA PHE A 114 14.03 2.71 -12.00
C PHE A 114 14.36 1.29 -12.44
N ARG A 115 15.37 1.14 -13.29
CA ARG A 115 15.78 -0.17 -13.76
C ARG A 115 16.37 -0.99 -12.64
N LEU A 116 17.16 -0.35 -11.78
CA LEU A 116 17.77 -1.05 -10.66
C LEU A 116 16.73 -1.61 -9.73
N SER A 117 15.77 -0.78 -9.35
CA SER A 117 14.78 -1.17 -8.36
C SER A 117 13.77 -2.16 -8.89
N LEU A 118 13.50 -2.14 -10.19
CA LEU A 118 12.61 -3.13 -10.75
C LEU A 118 13.30 -4.44 -11.02
N GLY A 119 14.59 -4.40 -11.29
CA GLY A 119 15.39 -5.63 -11.41
C GLY A 119 15.36 -6.39 -10.09
N ILE A 120 15.63 -5.67 -9.01
CA ILE A 120 15.65 -6.24 -7.67
C ILE A 120 14.31 -6.83 -7.30
N LEU A 121 13.26 -6.09 -7.59
CA LEU A 121 11.91 -6.56 -7.29
C LEU A 121 11.60 -7.88 -7.99
N ALA A 122 12.04 -8.02 -9.22
CA ALA A 122 11.82 -9.25 -9.99
C ALA A 122 12.57 -10.42 -9.40
N LEU A 123 13.82 -10.17 -8.98
CA LEU A 123 14.62 -11.19 -8.34
C LEU A 123 13.97 -11.61 -7.02
N LEU A 124 13.56 -10.64 -6.21
CA LEU A 124 12.84 -10.96 -4.98
C LEU A 124 11.59 -11.80 -5.27
N THR A 125 10.86 -11.46 -6.33
CA THR A 125 9.68 -12.24 -6.68
C THR A 125 10.07 -13.65 -7.01
N LEU A 126 11.15 -13.80 -7.78
CA LEU A 126 11.64 -15.12 -8.18
C LEU A 126 12.01 -15.96 -6.98
N LEU A 127 12.82 -15.41 -6.09
CA LEU A 127 13.26 -16.10 -4.88
C LEU A 127 12.09 -16.51 -4.01
N GLY A 128 11.16 -15.59 -3.79
CA GLY A 128 9.93 -15.87 -3.04
C GLY A 128 9.14 -17.01 -3.66
N ALA A 129 9.02 -17.03 -4.98
CA ALA A 129 8.27 -18.08 -5.67
C ALA A 129 8.94 -19.46 -5.55
N LEU A 130 10.26 -19.48 -5.62
CA LEU A 130 11.01 -20.74 -5.50
C LEU A 130 10.89 -21.29 -4.10
N GLY A 131 11.21 -20.46 -3.12
CA GLY A 131 11.09 -20.81 -1.71
C GLY A 131 9.72 -21.26 -1.30
N ILE A 132 8.67 -20.60 -1.77
CA ILE A 132 7.29 -21.02 -1.47
C ILE A 132 7.06 -22.37 -2.10
N ALA A 133 7.51 -22.55 -3.35
CA ALA A 133 7.37 -23.83 -4.03
C ALA A 133 8.10 -24.93 -3.26
N ASN A 134 9.38 -24.72 -3.01
CA ASN A 134 10.16 -25.67 -2.23
C ASN A 134 9.52 -25.99 -0.87
N SER A 135 8.98 -24.97 -0.23
CA SER A 135 8.36 -25.11 1.08
C SER A 135 7.04 -25.84 0.99
N PHE A 136 6.37 -25.77 -0.16
CA PHE A 136 5.11 -26.48 -0.35
C PHE A 136 5.31 -28.00 -0.48
N LEU A 137 6.46 -28.38 -1.00
CA LEU A 137 6.87 -29.75 -1.15
C LEU A 137 7.31 -30.34 0.17
N ASP A 138 7.42 -29.54 1.23
CA ASP A 138 7.70 -30.04 2.57
C ASP A 138 6.49 -30.62 3.29
N GLU A 139 5.31 -30.42 2.72
CA GLU A 139 4.16 -31.20 3.12
C GLU A 139 3.88 -32.32 2.09
N TYR A 140 4.79 -32.48 1.15
CA TYR A 140 4.97 -33.71 0.39
C TYR A 140 6.31 -34.37 0.78
N LEU A 141 6.96 -33.82 1.80
CA LEU A 141 8.19 -34.34 2.37
C LEU A 141 9.49 -34.26 1.55
N ASP A 142 9.42 -33.69 0.35
CA ASP A 142 10.60 -33.47 -0.48
C ASP A 142 11.25 -32.10 -0.23
N LEU A 143 12.58 -32.09 -0.02
CA LEU A 143 13.33 -30.84 0.19
C LEU A 143 14.54 -30.69 -0.77
N ASN A 144 14.38 -29.86 -1.81
CA ASN A 144 15.31 -29.79 -2.95
C ASN A 144 16.25 -28.61 -2.82
N GLY B 9 4.69 -20.83 7.07
CA GLY B 9 4.66 -22.24 7.57
C GLY B 9 3.26 -22.79 7.51
N ASN B 10 2.38 -22.24 8.33
CA ASN B 10 0.96 -22.39 8.09
C ASN B 10 0.48 -21.05 7.50
N SER B 11 1.27 -20.54 6.59
CA SER B 11 0.97 -19.34 5.84
C SER B 11 1.39 -19.51 4.40
N ILE B 12 1.70 -20.74 3.98
CA ILE B 12 2.31 -21.01 2.70
C ILE B 12 1.36 -20.66 1.55
N LEU B 13 0.07 -20.91 1.76
CA LEU B 13 -0.93 -20.60 0.72
C LEU B 13 -1.12 -19.09 0.61
N LEU B 14 -1.15 -18.41 1.75
CA LEU B 14 -1.29 -16.95 1.77
C LEU B 14 -0.11 -16.34 1.05
N ALA B 15 1.08 -16.86 1.35
CA ALA B 15 2.30 -16.40 0.72
C ALA B 15 2.27 -16.51 -0.80
N ALA B 16 1.69 -17.60 -1.30
CA ALA B 16 1.64 -17.86 -2.74
C ALA B 16 0.72 -16.86 -3.44
N VAL B 17 -0.48 -16.70 -2.90
CA VAL B 17 -1.46 -15.73 -3.41
C VAL B 17 -0.87 -14.33 -3.39
N SER B 18 -0.16 -14.00 -2.34
CA SER B 18 0.44 -12.67 -2.19
C SER B 18 1.46 -12.39 -3.28
N ILE B 19 2.25 -13.40 -3.66
CA ILE B 19 3.25 -13.24 -4.70
C ILE B 19 2.58 -13.14 -6.06
N LEU B 20 1.50 -13.89 -6.23
CA LEU B 20 0.74 -13.79 -7.47
C LEU B 20 0.14 -12.41 -7.68
N SER B 21 -0.47 -11.86 -6.64
CA SER B 21 -1.11 -10.57 -6.73
C SER B 21 -0.09 -9.45 -6.96
N ALA B 22 1.09 -9.61 -6.37
CA ALA B 22 2.17 -8.63 -6.54
C ALA B 22 2.67 -8.62 -7.97
N CYS B 23 2.66 -9.78 -8.63
CA CYS B 23 2.99 -9.87 -10.05
C CYS B 23 1.93 -9.17 -10.90
N GLN B 24 0.67 -9.32 -10.52
CA GLN B 24 -0.40 -8.63 -11.22
C GLN B 24 -0.24 -7.11 -11.13
N GLN B 25 0.08 -6.62 -9.94
CA GLN B 25 0.25 -5.18 -9.75
C GLN B 25 1.41 -4.62 -10.55
N SER B 26 2.50 -5.39 -10.65
CA SER B 26 3.63 -4.97 -11.45
C SER B 26 3.29 -4.99 -12.93
N TYR B 27 2.44 -5.94 -13.32
CA TYR B 27 1.98 -6.03 -14.69
C TYR B 27 1.16 -4.81 -15.08
N PHE B 28 0.30 -4.37 -14.18
CA PHE B 28 -0.50 -3.15 -14.41
C PHE B 28 0.36 -1.93 -14.58
N ALA B 29 1.40 -1.81 -13.76
CA ALA B 29 2.33 -0.69 -13.89
C ALA B 29 3.05 -0.70 -15.23
N LEU B 30 3.36 -1.89 -15.76
CA LEU B 30 4.00 -2.03 -17.07
C LEU B 30 3.10 -1.49 -18.18
N GLN B 31 1.80 -1.76 -18.09
CA GLN B 31 0.86 -1.32 -19.10
C GLN B 31 0.74 0.19 -19.16
N VAL B 32 0.80 0.84 -18.00
CA VAL B 32 0.80 2.30 -17.94
C VAL B 32 2.03 2.83 -18.66
N GLY B 33 3.17 2.19 -18.40
CA GLY B 33 4.44 2.56 -19.05
C GLY B 33 4.35 2.40 -20.54
N LYS B 34 3.73 1.32 -21.00
CA LYS B 34 3.53 1.08 -22.42
C LYS B 34 2.57 2.10 -23.01
N ALA B 35 1.54 2.46 -22.25
CA ALA B 35 0.54 3.43 -22.71
C ALA B 35 1.14 4.83 -22.86
N ARG B 36 2.09 5.16 -21.99
CA ARG B 36 2.78 6.45 -22.04
C ARG B 36 3.50 6.61 -23.38
N LEU B 37 4.08 5.52 -23.87
CA LEU B 37 4.82 5.55 -25.12
C LEU B 37 3.89 5.55 -26.33
N LYS B 38 2.81 4.79 -26.26
CA LYS B 38 1.87 4.68 -27.37
C LYS B 38 1.09 5.99 -27.63
N TYR B 39 0.81 6.76 -26.59
CA TYR B 39 -0.01 7.96 -26.74
C TYR B 39 0.76 9.25 -26.47
N LYS B 40 2.09 9.15 -26.41
CA LYS B 40 2.98 10.28 -26.26
C LYS B 40 2.58 11.24 -25.14
N VAL B 41 2.56 10.73 -23.92
CA VAL B 41 2.29 11.53 -22.74
C VAL B 41 3.61 11.74 -22.00
N THR B 42 4.11 12.98 -22.06
CA THR B 42 5.41 13.34 -21.51
C THR B 42 5.41 13.46 -19.99
N PRO B 43 6.26 12.66 -19.29
CA PRO B 43 6.27 12.67 -17.83
C PRO B 43 6.73 14.05 -17.32
N PRO B 44 6.19 14.51 -16.18
CA PRO B 44 5.31 13.83 -15.22
C PRO B 44 3.80 13.95 -15.44
N ALA B 45 3.37 14.37 -16.65
CA ALA B 45 1.95 14.59 -16.94
C ALA B 45 1.22 13.25 -17.03
N VAL B 46 -0.05 13.26 -16.62
CA VAL B 46 -0.91 12.07 -16.67
C VAL B 46 -2.25 12.35 -17.36
N THR B 47 -2.31 13.44 -18.13
CA THR B 47 -3.47 13.76 -18.93
C THR B 47 -3.08 14.12 -20.34
N GLY B 48 -4.08 14.08 -21.22
CA GLY B 48 -3.87 14.45 -22.62
C GLY B 48 -4.53 13.48 -23.56
N SER B 49 -4.32 12.18 -23.33
CA SER B 49 -4.93 11.15 -24.14
C SER B 49 -5.99 10.42 -23.31
N PRO B 50 -7.25 10.39 -23.80
CA PRO B 50 -8.31 9.69 -23.07
C PRO B 50 -8.01 8.21 -22.87
N GLU B 51 -7.44 7.55 -23.87
CA GLU B 51 -7.07 6.14 -23.74
C GLU B 51 -6.04 5.94 -22.65
N PHE B 52 -5.03 6.80 -22.61
CA PHE B 52 -4.04 6.77 -21.55
C PHE B 52 -4.67 7.06 -20.19
N GLU B 53 -5.60 8.01 -20.17
CA GLU B 53 -6.18 8.47 -18.93
C GLU B 53 -7.00 7.35 -18.25
N ARG B 54 -7.63 6.50 -19.06
CA ARG B 54 -8.41 5.37 -18.53
C ARG B 54 -7.49 4.29 -17.98
N VAL B 55 -6.42 4.00 -18.70
CA VAL B 55 -5.43 3.02 -18.24
C VAL B 55 -4.78 3.51 -16.93
N PHE B 56 -4.39 4.78 -16.88
CA PHE B 56 -3.78 5.34 -15.69
C PHE B 56 -4.71 5.26 -14.47
N ARG B 57 -5.95 5.71 -14.63
CA ARG B 57 -6.92 5.72 -13.54
C ARG B 57 -7.23 4.31 -13.03
N ALA B 58 -7.30 3.35 -13.94
CA ALA B 58 -7.55 1.96 -13.57
C ALA B 58 -6.44 1.42 -12.70
N GLN B 59 -5.20 1.62 -13.13
CA GLN B 59 -4.04 1.17 -12.36
C GLN B 59 -3.96 1.85 -10.99
N GLN B 60 -4.38 3.12 -10.95
CA GLN B 60 -4.43 3.89 -9.71
C GLN B 60 -5.42 3.31 -8.71
N ASN B 61 -6.61 2.93 -9.17
CA ASN B 61 -7.62 2.36 -8.29
C ASN B 61 -7.20 1.00 -7.76
N CYS B 62 -6.52 0.21 -8.59
CA CYS B 62 -5.98 -1.07 -8.16
C CYS B 62 -4.90 -0.89 -7.11
N VAL B 63 -3.93 -0.04 -7.38
CA VAL B 63 -2.81 0.12 -6.49
C VAL B 63 -3.21 0.73 -5.15
N GLU B 64 -4.32 1.47 -5.12
CA GLU B 64 -4.83 2.05 -3.89
C GLU B 64 -5.39 1.00 -2.97
N PHE B 65 -6.14 0.07 -3.54
CA PHE B 65 -6.81 -0.95 -2.74
C PHE B 65 -5.92 -2.12 -2.39
N TYR B 66 -4.75 -2.23 -3.02
CA TYR B 66 -3.87 -3.38 -2.82
C TYR B 66 -3.47 -3.65 -1.37
N PRO B 67 -3.01 -2.63 -0.63
CA PRO B 67 -2.70 -2.93 0.77
C PRO B 67 -3.91 -3.32 1.62
N ILE B 68 -5.09 -2.88 1.22
CA ILE B 68 -6.31 -3.21 1.94
C ILE B 68 -6.68 -4.66 1.71
N PHE B 69 -6.42 -5.13 0.49
CA PHE B 69 -6.63 -6.52 0.15
C PHE B 69 -5.68 -7.43 0.89
N ILE B 70 -4.43 -7.02 0.99
CA ILE B 70 -3.41 -7.85 1.64
C ILE B 70 -3.69 -8.03 3.11
N ILE B 71 -4.00 -6.94 3.80
CA ILE B 71 -4.33 -7.03 5.21
C ILE B 71 -5.52 -7.92 5.46
N THR B 72 -6.59 -7.67 4.75
CA THR B 72 -7.83 -8.41 4.88
C THR B 72 -7.60 -9.88 4.52
N LEU B 73 -6.77 -10.14 3.52
CA LEU B 73 -6.43 -11.50 3.11
C LEU B 73 -5.74 -12.26 4.24
N TRP B 74 -4.77 -11.63 4.89
CA TRP B 74 -3.99 -12.32 5.92
C TRP B 74 -4.77 -12.46 7.20
N MET B 75 -5.55 -11.46 7.57
CA MET B 75 -6.38 -11.54 8.77
C MET B 75 -7.42 -12.62 8.63
N ALA B 76 -7.98 -12.77 7.45
CA ALA B 76 -8.95 -13.84 7.22
C ALA B 76 -8.24 -15.19 7.28
N GLY B 77 -7.10 -15.30 6.61
CA GLY B 77 -6.36 -16.54 6.54
C GLY B 77 -5.79 -17.00 7.88
N TRP B 78 -5.36 -16.03 8.69
CA TRP B 78 -4.79 -16.33 9.99
C TRP B 78 -5.83 -16.65 11.04
N TYR B 79 -6.91 -15.87 11.08
CA TYR B 79 -7.87 -16.01 12.18
C TYR B 79 -9.18 -16.67 11.78
N PHE B 80 -9.31 -17.13 10.54
CA PHE B 80 -10.54 -17.83 10.15
C PHE B 80 -10.27 -19.17 9.47
N ASN B 81 -9.67 -19.12 8.28
CA ASN B 81 -9.30 -20.34 7.56
C ASN B 81 -8.42 -20.02 6.37
N GLN B 82 -7.24 -20.64 6.32
CA GLN B 82 -6.27 -20.34 5.27
C GLN B 82 -6.75 -20.79 3.90
N VAL B 83 -7.37 -21.97 3.82
CA VAL B 83 -7.83 -22.50 2.55
C VAL B 83 -8.97 -21.66 1.95
N PHE B 84 -9.91 -21.22 2.78
CA PHE B 84 -11.05 -20.47 2.30
C PHE B 84 -10.63 -19.06 1.83
N ALA B 85 -9.81 -18.40 2.64
CA ALA B 85 -9.27 -17.09 2.30
C ALA B 85 -8.45 -17.15 1.01
N THR B 86 -7.62 -18.20 0.90
CA THR B 86 -6.77 -18.44 -0.27
C THR B 86 -7.59 -18.49 -1.54
N CYS B 87 -8.73 -19.17 -1.48
CA CYS B 87 -9.56 -19.33 -2.68
C CYS B 87 -10.23 -18.03 -3.05
N LEU B 88 -10.76 -17.31 -2.06
CA LEU B 88 -11.32 -15.99 -2.32
C LEU B 88 -10.25 -15.07 -2.90
N GLY B 89 -9.04 -15.17 -2.37
CA GLY B 89 -7.92 -14.39 -2.87
C GLY B 89 -7.67 -14.56 -4.36
N LEU B 90 -7.76 -15.80 -4.84
CA LEU B 90 -7.57 -16.06 -6.25
C LEU B 90 -8.66 -15.40 -7.11
N VAL B 91 -9.90 -15.46 -6.62
CA VAL B 91 -11.02 -14.89 -7.35
C VAL B 91 -10.90 -13.37 -7.37
N TYR B 92 -10.41 -12.78 -6.30
CA TYR B 92 -10.18 -11.32 -6.26
C TYR B 92 -9.17 -10.92 -7.33
N ILE B 93 -8.09 -11.69 -7.45
CA ILE B 93 -7.06 -11.41 -8.43
C ILE B 93 -7.67 -11.42 -9.82
N TYR B 94 -8.59 -12.35 -10.05
CA TYR B 94 -9.31 -12.44 -11.32
C TYR B 94 -10.24 -11.26 -11.57
N GLY B 95 -11.02 -10.88 -10.56
CA GLY B 95 -11.87 -9.69 -10.61
C GLY B 95 -11.12 -8.42 -10.99
N ARG B 96 -9.92 -8.25 -10.45
CA ARG B 96 -9.08 -7.10 -10.76
C ARG B 96 -8.55 -7.14 -12.18
N HIS B 97 -8.40 -8.33 -12.70
CA HIS B 97 -8.01 -8.52 -14.09
C HIS B 97 -9.10 -8.02 -15.01
N LEU B 98 -10.34 -8.34 -14.67
CA LEU B 98 -11.50 -7.88 -15.43
C LEU B 98 -11.64 -6.37 -15.33
N TYR B 99 -11.56 -5.83 -14.12
CA TYR B 99 -11.65 -4.41 -13.87
C TYR B 99 -10.71 -3.60 -14.75
N PHE B 100 -9.44 -3.99 -14.73
CA PHE B 100 -8.41 -3.23 -15.39
C PHE B 100 -8.58 -3.22 -16.89
N TRP B 101 -8.75 -4.40 -17.47
CA TRP B 101 -8.90 -4.50 -18.91
C TRP B 101 -10.25 -3.97 -19.37
N GLY B 102 -11.26 -4.14 -18.53
CA GLY B 102 -12.58 -3.57 -18.78
C GLY B 102 -12.52 -2.06 -18.89
N TYR B 103 -11.92 -1.43 -17.90
CA TYR B 103 -11.86 0.01 -17.86
C TYR B 103 -11.06 0.54 -19.05
N SER B 104 -9.99 -0.16 -19.40
CA SER B 104 -9.15 0.24 -20.53
C SER B 104 -9.94 0.38 -21.84
N GLU B 105 -10.94 -0.47 -22.03
CA GLU B 105 -11.75 -0.44 -23.23
C GLU B 105 -12.81 0.66 -23.16
N ALA B 106 -13.45 0.82 -22.01
CA ALA B 106 -14.48 1.84 -21.80
C ALA B 106 -14.74 2.03 -20.32
N ALA B 107 -14.94 3.27 -19.88
CA ALA B 107 -15.22 3.57 -18.46
C ALA B 107 -16.33 2.71 -17.82
N LYS B 108 -17.33 2.34 -18.61
CA LYS B 108 -18.45 1.55 -18.11
C LYS B 108 -18.23 0.06 -18.19
N LYS B 109 -17.21 -0.38 -18.89
CA LYS B 109 -16.88 -1.83 -18.99
C LYS B 109 -16.09 -2.38 -17.79
N ARG B 110 -15.86 -1.54 -16.80
CA ARG B 110 -15.15 -1.91 -15.60
C ARG B 110 -16.03 -2.52 -14.53
N ILE B 111 -17.34 -2.35 -14.65
CA ILE B 111 -18.28 -2.55 -13.54
C ILE B 111 -18.40 -4.01 -13.08
N THR B 112 -18.31 -4.97 -13.99
CA THR B 112 -18.33 -6.39 -13.61
C THR B 112 -17.19 -6.75 -12.66
N GLY B 113 -15.97 -6.54 -13.13
CA GLY B 113 -14.77 -6.82 -12.35
C GLY B 113 -14.71 -6.02 -11.07
N PHE B 114 -15.34 -4.84 -11.07
CA PHE B 114 -15.40 -3.99 -9.90
C PHE B 114 -16.30 -4.57 -8.82
N ARG B 115 -17.47 -5.06 -9.22
CA ARG B 115 -18.41 -5.63 -8.26
C ARG B 115 -17.87 -6.92 -7.70
N LEU B 116 -17.24 -7.74 -8.55
CA LEU B 116 -16.70 -9.01 -8.13
C LEU B 116 -15.64 -8.83 -7.07
N SER B 117 -14.68 -7.93 -7.34
CA SER B 117 -13.52 -7.82 -6.45
C SER B 117 -13.87 -7.10 -5.15
N LEU B 118 -14.87 -6.23 -5.19
CA LEU B 118 -15.26 -5.56 -3.95
C LEU B 118 -16.19 -6.41 -3.12
N GLY B 119 -16.94 -7.29 -3.74
CA GLY B 119 -17.75 -8.27 -3.02
C GLY B 119 -16.86 -9.17 -2.20
N ILE B 120 -15.84 -9.71 -2.86
CA ILE B 120 -14.87 -10.60 -2.23
C ILE B 120 -14.17 -9.93 -1.06
N LEU B 121 -13.76 -8.70 -1.28
CA LEU B 121 -13.08 -7.93 -0.25
C LEU B 121 -13.94 -7.79 1.00
N ALA B 122 -15.23 -7.56 0.82
CA ALA B 122 -16.14 -7.40 1.94
C ALA B 122 -16.31 -8.70 2.71
N LEU B 123 -16.39 -9.80 1.98
CA LEU B 123 -16.48 -11.11 2.61
C LEU B 123 -15.22 -11.43 3.40
N LEU B 124 -14.06 -11.18 2.78
CA LEU B 124 -12.80 -11.35 3.49
C LEU B 124 -12.76 -10.47 4.75
N THR B 125 -13.26 -9.25 4.67
CA THR B 125 -13.32 -8.39 5.85
C THR B 125 -14.18 -9.00 6.92
N LEU B 126 -15.33 -9.54 6.50
CA LEU B 126 -16.26 -10.19 7.42
C LEU B 126 -15.61 -11.36 8.15
N LEU B 127 -15.01 -12.27 7.39
CA LEU B 127 -14.33 -13.43 7.95
C LEU B 127 -13.23 -13.03 8.93
N GLY B 128 -12.39 -12.08 8.52
CA GLY B 128 -11.35 -11.54 9.37
C GLY B 128 -11.88 -10.98 10.68
N ALA B 129 -12.99 -10.25 10.60
CA ALA B 129 -13.59 -9.64 11.79
C ALA B 129 -14.14 -10.70 12.75
N LEU B 130 -14.77 -11.74 12.20
CA LEU B 130 -15.31 -12.81 13.04
C LEU B 130 -14.21 -13.56 13.77
N GLY B 131 -13.24 -14.05 12.99
CA GLY B 131 -12.12 -14.77 13.55
C GLY B 131 -11.35 -14.00 14.61
N ILE B 132 -11.10 -12.72 14.35
CA ILE B 132 -10.42 -11.87 15.33
C ILE B 132 -11.27 -11.72 16.56
N ALA B 133 -12.56 -11.52 16.36
CA ALA B 133 -13.50 -11.38 17.48
C ALA B 133 -13.52 -12.65 18.30
N ASN B 134 -13.77 -13.79 17.66
CA ASN B 134 -13.76 -15.06 18.35
C ASN B 134 -12.47 -15.28 19.14
N SER B 135 -11.34 -14.90 18.53
CA SER B 135 -10.06 -15.08 19.20
C SER B 135 -9.89 -14.12 20.39
N PHE B 136 -10.54 -12.96 20.30
CA PHE B 136 -10.45 -11.97 21.35
C PHE B 136 -11.28 -12.32 22.56
N LEU B 137 -12.44 -12.95 22.33
CA LEU B 137 -13.32 -13.29 23.45
C LEU B 137 -12.81 -14.55 24.12
N ASP B 138 -11.95 -15.28 23.40
CA ASP B 138 -11.34 -16.48 23.92
C ASP B 138 -10.06 -16.16 24.66
N GLU B 139 -9.47 -14.99 24.40
CA GLU B 139 -8.16 -14.71 24.96
C GLU B 139 -8.14 -13.70 26.08
N TYR B 140 -9.09 -12.76 26.13
CA TYR B 140 -9.11 -11.76 27.19
C TYR B 140 -10.37 -11.84 28.02
N LEU B 141 -11.34 -12.64 27.58
CA LEU B 141 -12.63 -12.77 28.28
C LEU B 141 -13.06 -14.23 28.42
N ASP B 142 -12.20 -15.17 28.02
CA ASP B 142 -12.42 -16.60 28.22
C ASP B 142 -13.78 -17.09 27.68
N LEU B 143 -14.14 -16.64 26.48
CA LEU B 143 -15.42 -17.01 25.84
C LEU B 143 -15.23 -17.38 24.37
N ASN B 144 -15.31 -18.68 24.06
CA ASN B 144 -15.19 -19.18 22.69
C ASN B 144 -16.55 -19.65 22.18
N ASN C 10 0.46 -14.39 20.01
CA ASN C 10 -0.68 -13.43 20.02
C ASN C 10 -0.40 -12.21 19.15
N SER C 11 -1.31 -11.94 18.21
CA SER C 11 -1.33 -10.71 17.46
C SER C 11 -2.77 -10.25 17.26
N ILE C 12 -3.66 -10.67 18.16
CA ILE C 12 -5.09 -10.52 17.98
C ILE C 12 -5.48 -9.04 18.06
N LEU C 13 -4.78 -8.27 18.90
CA LEU C 13 -5.06 -6.84 19.02
C LEU C 13 -4.61 -6.10 17.76
N LEU C 14 -3.43 -6.47 17.27
CA LEU C 14 -2.91 -5.87 16.04
C LEU C 14 -3.86 -6.15 14.90
N ALA C 15 -4.31 -7.41 14.84
CA ALA C 15 -5.25 -7.85 13.83
C ALA C 15 -6.51 -7.03 13.81
N ALA C 16 -7.02 -6.68 14.99
CA ALA C 16 -8.27 -5.94 15.12
C ALA C 16 -8.13 -4.53 14.58
N VAL C 17 -7.09 -3.84 15.04
CA VAL C 17 -6.78 -2.48 14.60
C VAL C 17 -6.61 -2.45 13.08
N SER C 18 -5.93 -3.47 12.55
CA SER C 18 -5.66 -3.53 11.12
C SER C 18 -6.94 -3.63 10.29
N ILE C 19 -7.90 -4.40 10.79
CA ILE C 19 -9.16 -4.57 10.08
C ILE C 19 -10.00 -3.32 10.21
N LEU C 20 -9.92 -2.66 11.35
CA LEU C 20 -10.57 -1.37 11.54
C LEU C 20 -10.09 -0.32 10.58
N SER C 21 -8.78 -0.20 10.44
CA SER C 21 -8.19 0.82 9.59
C SER C 21 -8.51 0.54 8.13
N ALA C 22 -8.55 -0.73 7.75
CA ALA C 22 -8.86 -1.12 6.38
C ALA C 22 -10.29 -0.74 6.03
N CYS C 23 -11.19 -0.82 7.00
CA CYS C 23 -12.57 -0.36 6.82
C CYS C 23 -12.63 1.16 6.67
N GLN C 24 -11.80 1.88 7.41
CA GLN C 24 -11.73 3.33 7.26
C GLN C 24 -11.28 3.71 5.85
N GLN C 25 -10.26 3.03 5.35
CA GLN C 25 -9.76 3.30 4.01
C GLN C 25 -10.77 3.03 2.93
N SER C 26 -11.56 1.97 3.10
CA SER C 26 -12.61 1.66 2.13
C SER C 26 -13.71 2.70 2.22
N TYR C 27 -13.96 3.21 3.42
CA TYR C 27 -14.95 4.24 3.63
C TYR C 27 -14.56 5.52 2.89
N PHE C 28 -13.30 5.89 2.97
CA PHE C 28 -12.80 7.07 2.28
C PHE C 28 -12.95 6.94 0.77
N ALA C 29 -12.68 5.75 0.24
CA ALA C 29 -12.84 5.51 -1.19
C ALA C 29 -14.30 5.67 -1.63
N LEU C 30 -15.23 5.27 -0.77
CA LEU C 30 -16.66 5.43 -1.02
C LEU C 30 -17.06 6.90 -1.16
N GLN C 31 -16.50 7.74 -0.31
CA GLN C 31 -16.80 9.17 -0.32
C GLN C 31 -16.35 9.84 -1.61
N VAL C 32 -15.20 9.42 -2.14
CA VAL C 32 -14.72 9.93 -3.41
C VAL C 32 -15.71 9.53 -4.51
N GLY C 33 -16.20 8.29 -4.46
CA GLY C 33 -17.19 7.81 -5.41
C GLY C 33 -18.47 8.61 -5.33
N LYS C 34 -18.89 8.94 -4.10
CA LYS C 34 -20.06 9.79 -3.91
C LYS C 34 -19.82 11.21 -4.42
N ALA C 35 -18.59 11.71 -4.24
CA ALA C 35 -18.23 13.04 -4.68
C ALA C 35 -18.24 13.16 -6.21
N ARG C 36 -17.88 12.08 -6.90
CA ARG C 36 -17.93 12.07 -8.38
C ARG C 36 -19.36 12.37 -8.87
N LEU C 37 -20.34 11.81 -8.19
CA LEU C 37 -21.72 11.99 -8.58
C LEU C 37 -22.28 13.34 -8.18
N LYS C 38 -21.88 13.82 -7.00
CA LYS C 38 -22.37 15.11 -6.50
C LYS C 38 -21.85 16.31 -7.33
N TYR C 39 -20.63 16.22 -7.85
CA TYR C 39 -20.02 17.36 -8.53
C TYR C 39 -19.75 17.07 -10.01
N LYS C 40 -20.34 15.99 -10.52
CA LYS C 40 -20.24 15.64 -11.95
C LYS C 40 -18.80 15.61 -12.47
N VAL C 41 -17.99 14.77 -11.87
CA VAL C 41 -16.63 14.53 -12.35
C VAL C 41 -16.60 13.15 -12.98
N THR C 42 -16.59 13.12 -14.30
CA THR C 42 -16.70 11.91 -15.10
C THR C 42 -15.34 11.21 -15.23
N PRO C 43 -15.26 9.92 -14.85
CA PRO C 43 -14.01 9.17 -14.94
C PRO C 43 -13.49 9.09 -16.37
N PRO C 44 -12.16 9.13 -16.57
CA PRO C 44 -11.06 9.06 -15.60
C PRO C 44 -10.58 10.40 -15.00
N ALA C 45 -11.33 11.50 -15.15
CA ALA C 45 -10.87 12.81 -14.71
C ALA C 45 -10.91 12.90 -13.18
N VAL C 46 -9.98 13.64 -12.60
CA VAL C 46 -9.96 13.88 -11.15
C VAL C 46 -9.84 15.36 -10.78
N THR C 47 -10.14 16.22 -11.74
CA THR C 47 -10.13 17.67 -11.52
C THR C 47 -11.39 18.28 -12.09
N GLY C 48 -11.64 19.52 -11.68
CA GLY C 48 -12.81 20.30 -12.06
C GLY C 48 -13.26 20.98 -10.77
N SER C 49 -14.11 20.28 -10.05
CA SER C 49 -14.76 20.86 -8.89
C SER C 49 -13.73 20.98 -7.77
N PRO C 50 -13.54 22.20 -7.22
CA PRO C 50 -12.60 22.38 -6.12
C PRO C 50 -12.90 21.48 -4.91
N GLU C 51 -14.17 21.35 -4.55
CA GLU C 51 -14.54 20.52 -3.41
C GLU C 51 -14.20 19.07 -3.64
N PHE C 52 -14.47 18.57 -4.84
CA PHE C 52 -14.07 17.22 -5.22
C PHE C 52 -12.57 17.03 -5.14
N GLU C 53 -11.82 18.04 -5.56
CA GLU C 53 -10.36 17.92 -5.53
C GLU C 53 -9.84 17.83 -4.09
N ARG C 54 -10.54 18.44 -3.13
CA ARG C 54 -10.18 18.36 -1.72
C ARG C 54 -10.43 16.97 -1.16
N VAL C 55 -11.59 16.42 -1.49
CA VAL C 55 -11.95 15.09 -1.06
C VAL C 55 -11.00 14.07 -1.67
N PHE C 56 -10.73 14.18 -2.97
CA PHE C 56 -9.86 13.26 -3.67
C PHE C 56 -8.44 13.27 -3.12
N ARG C 57 -7.87 14.47 -2.94
CA ARG C 57 -6.51 14.59 -2.41
C ARG C 57 -6.38 14.08 -1.01
N ALA C 58 -7.40 14.29 -0.18
CA ALA C 58 -7.39 13.78 1.19
C ALA C 58 -7.30 12.26 1.20
N GLN C 59 -8.18 11.62 0.43
CA GLN C 59 -8.20 10.16 0.33
C GLN C 59 -6.88 9.62 -0.23
N GLN C 60 -6.28 10.37 -1.15
CA GLN C 60 -5.00 10.01 -1.74
C GLN C 60 -3.86 10.04 -0.75
N ASN C 61 -3.83 11.04 0.13
CA ASN C 61 -2.78 11.14 1.15
C ASN C 61 -2.91 10.04 2.19
N CYS C 62 -4.15 9.67 2.51
CA CYS C 62 -4.40 8.55 3.41
C CYS C 62 -3.98 7.23 2.81
N VAL C 63 -4.39 6.96 1.58
CA VAL C 63 -4.07 5.68 0.95
C VAL C 63 -2.58 5.51 0.72
N GLU C 64 -1.84 6.61 0.57
CA GLU C 64 -0.40 6.57 0.40
C GLU C 64 0.30 6.13 1.67
N PHE C 65 -0.16 6.66 2.79
CA PHE C 65 0.50 6.44 4.07
C PHE C 65 0.07 5.12 4.73
N TYR C 66 -1.00 4.51 4.23
CA TYR C 66 -1.55 3.30 4.85
C TYR C 66 -0.56 2.16 5.04
N PRO C 67 0.19 1.79 3.98
CA PRO C 67 1.15 0.70 4.22
C PRO C 67 2.26 1.06 5.21
N ILE C 68 2.56 2.34 5.35
CA ILE C 68 3.59 2.80 6.27
C ILE C 68 3.09 2.65 7.68
N PHE C 69 1.80 2.92 7.88
CA PHE C 69 1.20 2.77 9.19
C PHE C 69 1.15 1.30 9.60
N ILE C 70 0.80 0.43 8.66
CA ILE C 70 0.66 -0.97 8.95
C ILE C 70 1.96 -1.63 9.37
N ILE C 71 3.02 -1.36 8.60
CA ILE C 71 4.33 -1.91 8.93
C ILE C 71 4.79 -1.45 10.29
N THR C 72 4.74 -0.14 10.52
CA THR C 72 5.22 0.40 11.78
C THR C 72 4.38 -0.09 12.94
N LEU C 73 3.08 -0.25 12.71
CA LEU C 73 2.17 -0.81 13.72
C LEU C 73 2.57 -2.22 14.14
N TRP C 74 2.87 -3.07 13.16
CA TRP C 74 3.18 -4.46 13.47
C TRP C 74 4.56 -4.62 14.06
N MET C 75 5.52 -3.86 13.56
CA MET C 75 6.88 -3.92 14.10
C MET C 75 6.91 -3.45 15.54
N ALA C 76 6.13 -2.43 15.86
CA ALA C 76 6.05 -1.97 17.23
C ALA C 76 5.36 -3.01 18.08
N GLY C 77 4.25 -3.54 17.60
CA GLY C 77 3.48 -4.51 18.37
C GLY C 77 4.19 -5.83 18.59
N TRP C 78 4.97 -6.26 17.60
CA TRP C 78 5.76 -7.48 17.69
C TRP C 78 7.00 -7.33 18.56
N TYR C 79 7.74 -6.25 18.37
CA TYR C 79 9.03 -6.10 19.03
C TYR C 79 9.06 -5.15 20.22
N PHE C 80 7.93 -4.58 20.60
CA PHE C 80 7.92 -3.68 21.75
C PHE C 80 6.82 -4.02 22.74
N ASN C 81 5.58 -3.87 22.34
CA ASN C 81 4.43 -4.21 23.19
C ASN C 81 3.14 -4.11 22.39
N GLN C 82 2.37 -5.20 22.35
CA GLN C 82 1.16 -5.23 21.56
C GLN C 82 0.09 -4.26 22.08
N VAL C 83 -0.08 -4.17 23.39
CA VAL C 83 -1.09 -3.31 23.97
C VAL C 83 -0.80 -1.82 23.73
N PHE C 84 0.46 -1.42 23.87
CA PHE C 84 0.83 -0.02 23.71
C PHE C 84 0.72 0.42 22.24
N ALA C 85 1.23 -0.42 21.34
CA ALA C 85 1.11 -0.17 19.90
C ALA C 85 -0.34 -0.10 19.46
N THR C 86 -1.15 -1.02 19.99
CA THR C 86 -2.59 -1.09 19.71
C THR C 86 -3.28 0.21 20.05
N CYS C 87 -2.93 0.80 21.19
CA CYS C 87 -3.53 2.06 21.62
C CYS C 87 -3.12 3.21 20.73
N LEU C 88 -1.84 3.29 20.41
CA LEU C 88 -1.37 4.31 19.48
C LEU C 88 -2.08 4.14 18.13
N GLY C 89 -2.24 2.89 17.71
CA GLY C 89 -2.96 2.59 16.47
C GLY C 89 -4.36 3.17 16.42
N LEU C 90 -5.07 3.09 17.53
CA LEU C 90 -6.41 3.67 17.63
C LEU C 90 -6.39 5.19 17.50
N VAL C 91 -5.41 5.83 18.11
CA VAL C 91 -5.28 7.28 18.03
C VAL C 91 -4.97 7.70 16.59
N TYR C 92 -4.15 6.91 15.87
CA TYR C 92 -3.86 7.20 14.48
C TYR C 92 -5.14 7.17 13.66
N ILE C 93 -5.98 6.15 13.89
CA ILE C 93 -7.20 5.99 13.15
C ILE C 93 -8.08 7.22 13.35
N TYR C 94 -8.07 7.74 14.57
CA TYR C 94 -8.83 8.95 14.91
C TYR C 94 -8.29 10.19 14.24
N GLY C 95 -6.96 10.37 14.31
CA GLY C 95 -6.29 11.47 13.60
C GLY C 95 -6.60 11.53 12.11
N ARG C 96 -6.67 10.37 11.46
CA ARG C 96 -7.01 10.31 10.05
C ARG C 96 -8.45 10.64 9.77
N HIS C 97 -9.30 10.40 10.76
CA HIS C 97 -10.69 10.76 10.67
C HIS C 97 -10.83 12.28 10.66
N LEU C 98 -10.05 12.94 11.50
CA LEU C 98 -10.03 14.40 11.56
C LEU C 98 -9.48 15.00 10.29
N TYR C 99 -8.34 14.46 9.84
CA TYR C 99 -7.67 14.91 8.62
C TYR C 99 -8.62 14.92 7.45
N PHE C 100 -9.30 13.79 7.23
CA PHE C 100 -10.12 13.61 6.05
C PHE C 100 -11.28 14.56 6.03
N TRP C 101 -12.03 14.59 7.10
CA TRP C 101 -13.22 15.43 7.16
C TRP C 101 -12.84 16.90 7.24
N GLY C 102 -11.73 17.18 7.93
CA GLY C 102 -11.25 18.55 7.99
C GLY C 102 -10.91 19.08 6.62
N TYR C 103 -10.11 18.32 5.89
CA TYR C 103 -9.65 18.74 4.58
C TYR C 103 -10.81 18.91 3.63
N SER C 104 -11.79 18.00 3.73
CA SER C 104 -12.97 18.05 2.86
C SER C 104 -13.70 19.37 2.94
N GLU C 105 -13.71 20.01 4.11
CA GLU C 105 -14.38 21.30 4.28
C GLU C 105 -13.50 22.44 3.77
N ALA C 106 -12.21 22.39 4.10
CA ALA C 106 -11.26 23.43 3.72
C ALA C 106 -9.83 22.95 3.97
N ALA C 107 -8.92 23.24 3.03
CA ALA C 107 -7.51 22.81 3.14
C ALA C 107 -6.84 23.12 4.47
N LYS C 108 -7.25 24.21 5.13
CA LYS C 108 -6.65 24.58 6.42
C LYS C 108 -7.21 23.80 7.61
N LYS C 109 -8.35 23.14 7.43
CA LYS C 109 -8.90 22.31 8.50
C LYS C 109 -8.30 20.91 8.57
N ARG C 110 -7.29 20.63 7.73
CA ARG C 110 -6.66 19.34 7.75
C ARG C 110 -5.55 19.23 8.79
N ILE C 111 -5.08 20.37 9.28
CA ILE C 111 -3.80 20.46 9.98
C ILE C 111 -3.77 19.73 11.34
N THR C 112 -4.88 19.78 12.07
CA THR C 112 -4.95 19.09 13.38
C THR C 112 -4.76 17.60 13.22
N GLY C 113 -5.66 16.98 12.45
CA GLY C 113 -5.62 15.54 12.21
C GLY C 113 -4.33 15.08 11.57
N PHE C 114 -3.69 15.97 10.81
CA PHE C 114 -2.43 15.67 10.17
C PHE C 114 -1.29 15.60 11.18
N ARG C 115 -1.23 16.56 12.08
CA ARG C 115 -0.18 16.58 13.11
C ARG C 115 -0.32 15.42 14.07
N LEU C 116 -1.57 15.11 14.43
CA LEU C 116 -1.83 14.00 15.34
C LEU C 116 -1.37 12.69 14.75
N SER C 117 -1.74 12.41 13.50
CA SER C 117 -1.45 11.15 12.87
C SER C 117 0.03 10.98 12.52
N LEU C 118 0.73 12.07 12.27
CA LEU C 118 2.15 11.97 12.01
C LEU C 118 2.95 11.87 13.31
N GLY C 119 2.43 12.42 14.40
CA GLY C 119 3.03 12.24 15.71
C GLY C 119 3.03 10.77 16.08
N ILE C 120 1.87 10.13 15.94
CA ILE C 120 1.73 8.72 16.24
C ILE C 120 2.67 7.88 15.38
N LEU C 121 2.72 8.17 14.09
CA LEU C 121 3.51 7.39 13.16
C LEU C 121 4.99 7.40 13.52
N ALA C 122 5.48 8.56 13.94
CA ALA C 122 6.89 8.68 14.30
C ALA C 122 7.18 7.93 15.57
N LEU C 123 6.26 8.00 16.53
CA LEU C 123 6.42 7.24 17.77
C LEU C 123 6.41 5.75 17.50
N LEU C 124 5.47 5.28 16.69
CA LEU C 124 5.44 3.87 16.29
C LEU C 124 6.75 3.48 15.63
N THR C 125 7.30 4.34 14.78
CA THR C 125 8.58 4.04 14.17
C THR C 125 9.67 3.91 15.23
N LEU C 126 9.66 4.84 16.17
CA LEU C 126 10.60 4.85 17.29
C LEU C 126 10.52 3.60 18.12
N LEU C 127 9.33 3.24 18.55
CA LEU C 127 9.12 2.05 19.39
C LEU C 127 9.57 0.78 18.64
N GLY C 128 9.18 0.66 17.38
CA GLY C 128 9.62 -0.45 16.54
C GLY C 128 11.13 -0.55 16.43
N ALA C 129 11.78 0.59 16.26
CA ALA C 129 13.23 0.62 16.13
C ALA C 129 13.94 0.24 17.43
N LEU C 130 13.41 0.68 18.56
CA LEU C 130 13.99 0.35 19.87
C LEU C 130 13.86 -1.11 20.14
N GLY C 131 12.64 -1.64 20.05
CA GLY C 131 12.38 -3.05 20.24
C GLY C 131 13.20 -3.97 19.37
N ILE C 132 13.34 -3.63 18.08
CA ILE C 132 14.16 -4.42 17.17
C ILE C 132 15.62 -4.36 17.64
N ALA C 133 16.06 -3.16 18.00
CA ALA C 133 17.42 -2.96 18.46
C ALA C 133 17.65 -3.71 19.74
N ASN C 134 16.86 -3.35 20.75
CA ASN C 134 16.98 -3.98 22.05
C ASN C 134 16.99 -5.47 21.77
N SER C 135 16.07 -5.91 20.90
CA SER C 135 15.98 -7.29 20.48
C SER C 135 17.27 -7.83 19.93
N PHE C 136 17.92 -7.04 19.07
CA PHE C 136 19.15 -7.51 18.46
C PHE C 136 20.36 -7.36 19.37
N LEU C 137 20.25 -6.67 20.50
CA LEU C 137 21.37 -6.43 21.38
C LEU C 137 21.76 -7.68 22.16
N ASP C 138 20.83 -8.61 22.28
CA ASP C 138 21.11 -9.86 22.97
C ASP C 138 20.94 -10.96 21.95
N GLU C 139 21.48 -10.72 20.77
CA GLU C 139 21.45 -11.65 19.61
C GLU C 139 20.13 -12.37 19.40
#